data_2XMZ
#
_entry.id   2XMZ
#
_cell.length_a   76.548
_cell.length_b   43.563
_cell.length_c   71.650
_cell.angle_alpha   90.00
_cell.angle_beta   98.26
_cell.angle_gamma   90.00
#
_symmetry.space_group_name_H-M   'C 1 2 1'
#
loop_
_entity.id
_entity.type
_entity.pdbx_description
1 polymer 'HYDROLASE, ALPHA/BETA HYDROLASE FOLD FAMILY'
2 water water
#
_entity_poly.entity_id   1
_entity_poly.type   'polypeptide(L)'
_entity_poly.pdbx_seq_one_letter_code
;GHMTHYKFYEANVETNQVLVFLHGFLSDSRTYHNHIEKFTDNYHVITIDLPGHGEDQSSMDETWNFDYITTLLDRILDKY
KDKSITLFGYSMGGRVALYYAINGHIPISNLILESTSPGIKEEANQLERRLVDDARAKVLDIAGIELFVNDWEKLPLFQS
QLELPVEIQHQIRQQRLSQSPHKMAKALRDYGTGQMPNLWPRLKEIKVPTLILAGEYDEKFVQIAKKMANLIPNSKCKLI
SATGHTIHVEDSDEFDTMILGFLKEEQND
;
_entity_poly.pdbx_strand_id   A
#
# COMPACT_ATOMS: atom_id res chain seq x y z
N MET A 3 -3.51 -12.06 -15.30
CA MET A 3 -2.36 -11.82 -16.25
C MET A 3 -1.68 -10.45 -16.00
N THR A 4 -0.34 -10.48 -16.05
CA THR A 4 0.57 -9.29 -15.98
C THR A 4 0.55 -8.45 -14.68
N HIS A 5 -0.49 -8.63 -13.87
CA HIS A 5 -0.73 -7.75 -12.75
C HIS A 5 0.07 -8.13 -11.50
N TYR A 6 0.75 -9.28 -11.51
CA TYR A 6 1.65 -9.62 -10.40
C TYR A 6 2.94 -10.27 -10.90
N LYS A 7 4.02 -10.06 -10.14
CA LYS A 7 5.32 -10.65 -10.46
C LYS A 7 5.82 -11.46 -9.25
N PHE A 8 6.41 -12.62 -9.54
CA PHE A 8 6.94 -13.50 -8.50
C PHE A 8 8.43 -13.56 -8.70
N TYR A 9 9.15 -13.32 -7.61
CA TYR A 9 10.59 -13.34 -7.59
C TYR A 9 11.01 -14.48 -6.68
N GLU A 10 11.56 -15.54 -7.26
CA GLU A 10 12.02 -16.69 -6.50
C GLU A 10 13.14 -16.28 -5.53
N ALA A 11 13.02 -16.70 -4.28
CA ALA A 11 14.11 -16.57 -3.31
C ALA A 11 15.40 -17.28 -3.76
N ASN A 12 16.55 -16.74 -3.36
CA ASN A 12 17.83 -17.29 -3.75
C ASN A 12 18.06 -18.60 -3.03
N VAL A 13 17.28 -18.83 -1.97
CA VAL A 13 17.38 -20.05 -1.17
C VAL A 13 16.00 -20.70 -1.02
N GLU A 14 15.95 -21.96 -0.57
CA GLU A 14 14.68 -22.61 -0.23
C GLU A 14 14.04 -21.91 0.94
N THR A 15 12.77 -21.62 0.82
CA THR A 15 12.06 -21.01 1.92
C THR A 15 10.56 -21.12 1.76
N ASN A 16 9.87 -21.16 2.90
CA ASN A 16 8.42 -21.15 2.89
C ASN A 16 7.81 -19.78 3.07
N GLN A 17 8.67 -18.76 3.08
CA GLN A 17 8.26 -17.38 3.33
C GLN A 17 8.03 -16.62 2.03
N VAL A 18 6.85 -16.02 1.91
CA VAL A 18 6.55 -15.21 0.74
C VAL A 18 6.13 -13.83 1.23
N LEU A 19 6.79 -12.80 0.71
CA LEU A 19 6.48 -11.42 1.08
C LEU A 19 5.79 -10.75 -0.11
N VAL A 20 4.57 -10.27 0.12
CA VAL A 20 3.70 -9.77 -0.93
C VAL A 20 3.56 -8.27 -0.76
N PHE A 21 4.01 -7.52 -1.78
CA PHE A 21 4.02 -6.06 -1.73
C PHE A 21 2.86 -5.45 -2.49
N LEU A 22 2.14 -4.57 -1.81
CA LEU A 22 1.12 -3.71 -2.43
C LEU A 22 1.56 -2.25 -2.42
N HIS A 23 1.45 -1.58 -3.56
CA HIS A 23 1.92 -0.21 -3.74
C HIS A 23 0.82 0.79 -3.36
N GLY A 24 1.11 2.08 -3.55
CA GLY A 24 0.17 3.14 -3.25
C GLY A 24 -0.47 3.74 -4.52
N PHE A 25 -1.36 4.69 -4.31
CA PHE A 25 -2.07 5.39 -5.37
C PHE A 25 -1.12 6.10 -6.32
N LEU A 26 -1.45 6.10 -7.61
CA LEU A 26 -0.68 6.83 -8.62
C LEU A 26 0.74 6.29 -8.75
N SER A 27 0.86 4.99 -8.58
CA SER A 27 2.17 4.36 -8.55
C SER A 27 1.90 2.93 -8.91
N ASP A 28 2.93 2.08 -8.82
CA ASP A 28 2.72 0.67 -9.05
C ASP A 28 3.88 -0.07 -8.41
N SER A 29 3.98 -1.35 -8.76
CA SER A 29 4.97 -2.23 -8.17
C SER A 29 6.41 -1.78 -8.38
N ARG A 30 6.66 -0.96 -9.40
CA ARG A 30 7.99 -0.47 -9.64
C ARG A 30 8.57 0.29 -8.44
N THR A 31 7.73 0.84 -7.57
CA THR A 31 8.18 1.52 -6.35
C THR A 31 9.03 0.61 -5.44
N TYR A 32 8.88 -0.72 -5.59
CA TYR A 32 9.63 -1.67 -4.75
C TYR A 32 10.88 -2.20 -5.42
N HIS A 33 11.13 -1.69 -6.63
CA HIS A 33 12.23 -2.13 -7.50
C HIS A 33 13.57 -2.35 -6.80
N ASN A 34 14.04 -1.33 -6.10
CA ASN A 34 15.36 -1.37 -5.46
C ASN A 34 15.35 -2.14 -4.15
N HIS A 35 14.19 -2.70 -3.78
CA HIS A 35 14.01 -3.43 -2.52
C HIS A 35 14.00 -4.93 -2.71
N ILE A 36 13.51 -5.37 -3.86
CA ILE A 36 13.26 -6.78 -4.14
C ILE A 36 14.47 -7.65 -3.78
N GLU A 37 15.64 -7.28 -4.28
CA GLU A 37 16.87 -8.04 -4.05
C GLU A 37 17.26 -8.11 -2.58
N LYS A 38 16.92 -7.08 -1.81
CA LYS A 38 17.21 -7.10 -0.38
C LYS A 38 16.39 -8.20 0.32
N PHE A 39 15.24 -8.57 -0.25
CA PHE A 39 14.41 -9.62 0.35
C PHE A 39 14.56 -11.01 -0.26
N THR A 40 14.80 -11.09 -1.57
CA THR A 40 14.94 -12.40 -2.24
C THR A 40 16.13 -13.23 -1.74
N ASP A 41 17.08 -12.58 -1.06
CA ASP A 41 18.16 -13.27 -0.36
C ASP A 41 17.61 -14.40 0.53
N ASN A 42 16.48 -14.14 1.18
CA ASN A 42 15.90 -15.07 2.16
C ASN A 42 14.40 -15.31 2.00
N TYR A 43 13.74 -14.55 1.12
CA TYR A 43 12.28 -14.58 1.01
C TYR A 43 11.83 -14.60 -0.45
N HIS A 44 10.81 -15.40 -0.75
CA HIS A 44 10.10 -15.25 -2.02
C HIS A 44 9.39 -13.91 -1.99
N VAL A 45 9.37 -13.22 -3.13
CA VAL A 45 8.72 -11.91 -3.18
C VAL A 45 7.71 -11.87 -4.30
N ILE A 46 6.52 -11.35 -3.99
CA ILE A 46 5.49 -11.08 -4.97
C ILE A 46 5.17 -9.59 -4.93
N THR A 47 5.04 -9.00 -6.11
CA THR A 47 4.51 -7.65 -6.18
C THR A 47 3.23 -7.77 -6.96
N ILE A 48 2.24 -6.98 -6.56
CA ILE A 48 0.95 -6.96 -7.22
C ILE A 48 0.59 -5.50 -7.54
N ASP A 49 0.24 -5.29 -8.80
CA ASP A 49 -0.35 -4.04 -9.25
C ASP A 49 -1.85 -4.06 -8.98
N LEU A 50 -2.33 -3.06 -8.25
CA LEU A 50 -3.73 -3.00 -7.86
C LEU A 50 -4.56 -2.45 -9.02
N PRO A 51 -5.90 -2.65 -8.97
CA PRO A 51 -6.76 -2.24 -10.08
C PRO A 51 -6.49 -0.81 -10.55
N GLY A 52 -6.36 -0.70 -11.87
CA GLY A 52 -6.06 0.58 -12.54
C GLY A 52 -4.60 1.00 -12.57
N HIS A 53 -3.76 0.35 -11.78
CA HIS A 53 -2.37 0.78 -11.64
C HIS A 53 -1.35 -0.10 -12.35
N GLY A 54 -0.32 0.57 -12.89
CA GLY A 54 0.77 -0.13 -13.57
C GLY A 54 0.27 -1.09 -14.61
N GLU A 55 0.61 -2.37 -14.45
CA GLU A 55 0.32 -3.36 -15.47
C GLU A 55 -1.02 -4.06 -15.27
N ASP A 56 -1.82 -3.56 -14.32
CA ASP A 56 -3.13 -4.12 -14.07
C ASP A 56 -4.02 -4.05 -15.31
N GLN A 57 -4.80 -5.10 -15.52
CA GLN A 57 -5.75 -5.12 -16.61
C GLN A 57 -7.18 -5.44 -16.16
N SER A 58 -7.53 -5.02 -14.96
CA SER A 58 -8.91 -5.05 -14.48
C SER A 58 -9.87 -4.30 -15.45
N SER A 59 -11.02 -4.90 -15.73
CA SER A 59 -11.98 -4.33 -16.65
C SER A 59 -12.50 -2.99 -16.15
N MET A 60 -12.52 -1.99 -17.03
CA MET A 60 -13.13 -0.69 -16.71
C MET A 60 -14.61 -0.82 -16.39
N ASP A 61 -15.19 -1.97 -16.73
CA ASP A 61 -16.63 -2.15 -16.62
C ASP A 61 -17.02 -3.02 -15.42
N GLU A 62 -16.06 -3.24 -14.53
CA GLU A 62 -16.34 -3.82 -13.23
C GLU A 62 -16.01 -2.81 -12.14
N THR A 63 -16.75 -2.91 -11.04
CA THR A 63 -16.49 -2.05 -9.91
C THR A 63 -15.26 -2.53 -9.12
N TRP A 64 -14.26 -1.67 -9.01
CA TRP A 64 -13.06 -2.06 -8.31
C TRP A 64 -13.18 -1.80 -6.82
N ASN A 65 -14.24 -2.31 -6.20
CA ASN A 65 -14.43 -2.13 -4.76
C ASN A 65 -13.54 -3.10 -3.95
N PHE A 66 -13.60 -3.03 -2.63
CA PHE A 66 -12.76 -3.89 -1.83
C PHE A 66 -13.00 -5.41 -1.98
N ASP A 67 -14.24 -5.78 -2.27
CA ASP A 67 -14.53 -7.20 -2.41
C ASP A 67 -13.96 -7.73 -3.72
N TYR A 68 -14.05 -6.91 -4.76
CA TYR A 68 -13.35 -7.17 -6.04
C TYR A 68 -11.84 -7.34 -5.83
N ILE A 69 -11.23 -6.40 -5.14
CA ILE A 69 -9.78 -6.47 -4.87
C ILE A 69 -9.44 -7.70 -4.01
N THR A 70 -10.28 -8.01 -3.03
CA THR A 70 -10.10 -9.22 -2.22
C THR A 70 -10.10 -10.47 -3.06
N THR A 71 -11.06 -10.58 -3.98
CA THR A 71 -11.09 -11.71 -4.90
C THR A 71 -9.85 -11.79 -5.75
N LEU A 72 -9.44 -10.65 -6.28
CA LEU A 72 -8.22 -10.52 -7.03
C LEU A 72 -7.05 -11.11 -6.26
N LEU A 73 -6.93 -10.68 -5.00
CA LEU A 73 -5.84 -11.16 -4.16
C LEU A 73 -6.00 -12.62 -3.76
N ASP A 74 -7.23 -13.05 -3.45
CA ASP A 74 -7.51 -14.48 -3.16
C ASP A 74 -6.91 -15.38 -4.26
N ARG A 75 -7.12 -14.96 -5.50
CA ARG A 75 -6.74 -15.72 -6.67
C ARG A 75 -5.25 -15.84 -6.81
N ILE A 76 -4.54 -14.78 -6.45
CA ILE A 76 -3.08 -14.83 -6.48
C ILE A 76 -2.58 -15.67 -5.34
N LEU A 77 -3.03 -15.31 -4.13
CA LEU A 77 -2.54 -15.93 -2.91
C LEU A 77 -2.85 -17.41 -2.75
N ASP A 78 -3.93 -17.87 -3.37
CA ASP A 78 -4.31 -19.27 -3.34
C ASP A 78 -3.17 -20.19 -3.81
N LYS A 79 -2.36 -19.72 -4.75
CA LYS A 79 -1.25 -20.52 -5.27
C LYS A 79 -0.13 -20.64 -4.23
N TYR A 80 -0.20 -19.86 -3.16
CA TYR A 80 0.84 -19.88 -2.14
C TYR A 80 0.26 -20.01 -0.74
N LYS A 81 -0.99 -20.48 -0.66
CA LYS A 81 -1.69 -20.64 0.61
C LYS A 81 -0.94 -21.48 1.64
N ASP A 82 -0.11 -22.41 1.19
CA ASP A 82 0.58 -23.30 2.14
C ASP A 82 1.91 -22.70 2.63
N LYS A 83 2.27 -21.56 2.04
CA LYS A 83 3.43 -20.79 2.44
C LYS A 83 3.03 -19.83 3.58
N SER A 84 4.02 -19.31 4.28
CA SER A 84 3.76 -18.27 5.24
C SER A 84 3.77 -16.91 4.52
N ILE A 85 2.58 -16.38 4.30
CA ILE A 85 2.44 -15.13 3.55
C ILE A 85 2.53 -13.92 4.47
N THR A 86 3.49 -13.04 4.16
CA THR A 86 3.48 -11.71 4.77
C THR A 86 2.92 -10.71 3.78
N LEU A 87 1.81 -10.07 4.16
CA LEU A 87 1.21 -9.09 3.29
C LEU A 87 1.62 -7.70 3.70
N PHE A 88 2.24 -7.00 2.76
CA PHE A 88 2.71 -5.67 3.00
C PHE A 88 1.89 -4.71 2.15
N GLY A 89 1.40 -3.65 2.77
CA GLY A 89 0.76 -2.58 2.01
C GLY A 89 1.20 -1.19 2.44
N TYR A 90 1.51 -0.35 1.44
CA TYR A 90 1.86 1.04 1.64
C TYR A 90 0.70 1.91 1.24
N SER A 91 0.28 2.78 2.16
CA SER A 91 -0.71 3.84 1.90
C SER A 91 -1.95 3.20 1.31
N MET A 92 -2.33 3.56 0.08
CA MET A 92 -3.50 2.89 -0.56
C MET A 92 -3.44 1.37 -0.49
N GLY A 93 -2.28 0.80 -0.80
CA GLY A 93 -2.08 -0.63 -0.69
C GLY A 93 -2.18 -1.19 0.73
N GLY A 94 -1.92 -0.34 1.73
CA GLY A 94 -2.11 -0.73 3.13
C GLY A 94 -3.56 -0.79 3.51
N ARG A 95 -4.39 0.02 2.82
CA ARG A 95 -5.84 -0.02 3.04
C ARG A 95 -6.38 -1.33 2.51
N VAL A 96 -5.88 -1.72 1.34
CA VAL A 96 -6.17 -3.03 0.80
C VAL A 96 -5.63 -4.15 1.72
N ALA A 97 -4.43 -3.99 2.26
CA ALA A 97 -3.86 -5.05 3.09
C ALA A 97 -4.64 -5.20 4.39
N LEU A 98 -5.08 -4.08 4.96
CA LEU A 98 -5.92 -4.18 6.17
C LEU A 98 -7.25 -4.87 5.86
N TYR A 99 -7.88 -4.48 4.74
CA TYR A 99 -9.15 -5.09 4.34
C TYR A 99 -8.94 -6.57 4.14
N TYR A 100 -7.82 -6.92 3.53
CA TYR A 100 -7.55 -8.29 3.24
C TYR A 100 -7.26 -9.09 4.51
N ALA A 101 -6.51 -8.50 5.44
CA ALA A 101 -6.23 -9.17 6.73
C ALA A 101 -7.52 -9.53 7.46
N ILE A 102 -8.54 -8.69 7.29
CA ILE A 102 -9.83 -8.87 7.98
C ILE A 102 -10.82 -9.73 7.19
N ASN A 103 -10.82 -9.60 5.87
CA ASN A 103 -11.86 -10.18 5.03
C ASN A 103 -11.36 -11.16 4.00
N GLY A 104 -10.05 -11.24 3.82
CA GLY A 104 -9.46 -12.13 2.80
C GLY A 104 -9.71 -13.61 3.03
N HIS A 105 -9.63 -14.38 1.97
CA HIS A 105 -10.03 -15.77 2.04
C HIS A 105 -8.84 -16.71 2.15
N ILE A 106 -7.64 -16.18 1.92
CA ILE A 106 -6.41 -16.94 2.19
C ILE A 106 -5.78 -16.33 3.45
N PRO A 107 -5.61 -17.14 4.50
CA PRO A 107 -5.02 -16.59 5.75
C PRO A 107 -3.56 -16.15 5.53
N ILE A 108 -3.26 -14.95 5.99
CA ILE A 108 -1.90 -14.46 5.95
C ILE A 108 -1.17 -14.84 7.26
N SER A 109 0.15 -14.84 7.22
CA SER A 109 0.96 -15.18 8.36
C SER A 109 1.32 -13.94 9.17
N ASN A 110 1.68 -12.87 8.47
CA ASN A 110 2.07 -11.58 9.07
C ASN A 110 1.52 -10.43 8.25
N LEU A 111 1.46 -9.25 8.87
CA LEU A 111 0.95 -8.07 8.21
C LEU A 111 1.91 -6.91 8.37
N ILE A 112 2.16 -6.19 7.28
CA ILE A 112 3.01 -4.99 7.37
C ILE A 112 2.31 -3.83 6.70
N LEU A 113 2.27 -2.73 7.44
CA LEU A 113 1.55 -1.55 7.04
C LEU A 113 2.49 -0.35 7.07
N GLU A 114 2.59 0.34 5.95
CA GLU A 114 3.43 1.52 5.86
C GLU A 114 2.55 2.71 5.51
N SER A 115 2.54 3.67 6.41
CA SER A 115 1.87 4.96 6.17
C SER A 115 0.43 4.76 5.63
N THR A 116 -0.38 4.02 6.37
CA THR A 116 -1.73 3.72 5.88
C THR A 116 -2.77 4.03 6.97
N SER A 117 -4.02 3.71 6.67
CA SER A 117 -5.10 3.85 7.63
C SER A 117 -6.19 2.82 7.36
N PRO A 118 -7.02 2.55 8.39
CA PRO A 118 -8.12 1.62 8.25
C PRO A 118 -9.37 2.34 7.75
N GLY A 119 -9.19 3.51 7.17
CA GLY A 119 -10.27 4.30 6.63
C GLY A 119 -10.73 5.34 7.62
N ILE A 120 -11.90 5.91 7.34
CA ILE A 120 -12.37 7.05 8.07
C ILE A 120 -13.54 6.62 8.95
N LYS A 121 -13.45 6.96 10.23
CA LYS A 121 -14.42 6.55 11.23
C LYS A 121 -15.79 7.21 11.06
N GLU A 122 -15.82 8.53 11.04
CA GLU A 122 -17.09 9.22 11.09
C GLU A 122 -17.66 9.52 9.71
N GLU A 123 -18.96 9.29 9.56
CA GLU A 123 -19.70 9.45 8.30
C GLU A 123 -19.44 10.75 7.55
N ALA A 124 -19.53 11.88 8.25
CA ALA A 124 -19.34 13.19 7.62
C ALA A 124 -17.93 13.34 7.05
N ASN A 125 -16.94 12.77 7.74
CA ASN A 125 -15.58 12.81 7.24
C ASN A 125 -15.42 11.87 6.05
N GLN A 126 -16.14 10.74 6.05
CA GLN A 126 -16.12 9.82 4.91
C GLN A 126 -16.66 10.52 3.67
N LEU A 127 -17.76 11.25 3.84
CA LEU A 127 -18.37 12.03 2.77
C LEU A 127 -17.45 13.13 2.27
N GLU A 128 -16.83 13.87 3.19
CA GLU A 128 -15.89 14.96 2.84
C GLU A 128 -14.85 14.38 1.86
N ARG A 129 -14.34 13.21 2.20
CA ARG A 129 -13.29 12.58 1.45
C ARG A 129 -13.78 12.06 0.10
N ARG A 130 -14.98 11.47 0.09
CA ARG A 130 -15.61 11.04 -1.16
C ARG A 130 -15.73 12.18 -2.14
N LEU A 131 -16.25 13.32 -1.68
CA LEU A 131 -16.37 14.53 -2.52
C LEU A 131 -15.02 14.95 -3.12
N VAL A 132 -13.98 14.98 -2.29
CA VAL A 132 -12.66 15.39 -2.74
C VAL A 132 -12.11 14.40 -3.76
N ASP A 133 -12.19 13.10 -3.46
CA ASP A 133 -11.71 12.08 -4.40
C ASP A 133 -12.54 12.00 -5.66
N ASP A 134 -13.85 12.24 -5.54
CA ASP A 134 -14.71 12.36 -6.71
C ASP A 134 -14.32 13.58 -7.59
N ALA A 135 -14.07 14.71 -6.94
CA ALA A 135 -13.57 15.91 -7.65
C ALA A 135 -12.24 15.62 -8.35
N ARG A 136 -11.32 15.01 -7.61
CA ARG A 136 -10.03 14.59 -8.15
C ARG A 136 -10.18 13.67 -9.37
N ALA A 137 -11.05 12.66 -9.24
CA ALA A 137 -11.38 11.78 -10.39
C ALA A 137 -11.88 12.57 -11.61
N LYS A 138 -12.80 13.53 -11.39
CA LYS A 138 -13.26 14.39 -12.47
C LYS A 138 -12.10 15.16 -13.12
N VAL A 139 -11.21 15.71 -12.31
CA VAL A 139 -10.03 16.44 -12.79
C VAL A 139 -9.15 15.53 -13.67
N LEU A 140 -9.04 14.26 -13.27
CA LEU A 140 -8.25 13.29 -14.03
C LEU A 140 -8.88 12.98 -15.39
N ASP A 141 -10.14 12.55 -15.40
CA ASP A 141 -10.90 12.26 -16.64
C ASP A 141 -10.86 13.40 -17.66
N ILE A 142 -10.72 14.63 -17.16
CA ILE A 142 -10.82 15.85 -17.98
C ILE A 142 -9.47 16.52 -18.29
N ALA A 143 -8.67 16.82 -17.26
CA ALA A 143 -7.42 17.57 -17.44
C ALA A 143 -6.16 16.71 -17.69
N GLY A 144 -6.25 15.42 -17.47
CA GLY A 144 -5.16 14.48 -17.82
C GLY A 144 -4.16 14.21 -16.70
N ILE A 145 -3.17 13.37 -16.98
CA ILE A 145 -2.26 12.89 -15.94
C ILE A 145 -1.28 13.98 -15.49
N GLU A 146 -0.67 14.68 -16.45
CA GLU A 146 0.40 15.61 -16.15
C GLU A 146 -0.02 16.72 -15.18
N LEU A 147 -1.16 17.36 -15.46
CA LEU A 147 -1.64 18.47 -14.64
C LEU A 147 -2.02 17.96 -13.23
N PHE A 148 -2.61 16.79 -13.17
CA PHE A 148 -2.92 16.16 -11.88
C PHE A 148 -1.68 15.93 -11.04
N VAL A 149 -0.66 15.32 -11.65
CA VAL A 149 0.61 15.02 -10.97
C VAL A 149 1.29 16.32 -10.50
N ASN A 150 1.26 17.36 -11.33
CA ASN A 150 1.80 18.66 -10.94
C ASN A 150 1.20 19.15 -9.62
N ASP A 151 -0.14 19.06 -9.50
CA ASP A 151 -0.85 19.45 -8.28
C ASP A 151 -0.61 18.44 -7.14
N TRP A 152 -0.60 17.15 -7.47
CA TRP A 152 -0.38 16.07 -6.50
C TRP A 152 0.97 16.24 -5.80
N GLU A 153 2.00 16.52 -6.59
CA GLU A 153 3.36 16.82 -6.09
C GLU A 153 3.41 17.91 -5.02
N LYS A 154 2.45 18.85 -5.05
CA LYS A 154 2.46 20.01 -4.14
C LYS A 154 1.64 19.81 -2.87
N LEU A 155 1.03 18.64 -2.71
CA LEU A 155 0.25 18.34 -1.49
C LEU A 155 1.15 18.33 -0.27
N PRO A 156 0.68 18.91 0.87
CA PRO A 156 1.49 18.91 2.10
C PRO A 156 1.97 17.51 2.50
N LEU A 157 1.13 16.50 2.22
CA LEU A 157 1.47 15.12 2.51
C LEU A 157 2.84 14.75 1.95
N PHE A 158 3.19 15.35 0.81
CA PHE A 158 4.42 15.00 0.11
C PHE A 158 5.55 16.01 0.23
N GLN A 159 5.40 17.00 1.11
CA GLN A 159 6.39 18.07 1.22
C GLN A 159 7.81 17.55 1.43
N SER A 160 7.94 16.49 2.23
CA SER A 160 9.25 15.91 2.54
C SER A 160 9.97 15.38 1.28
N GLN A 161 9.21 15.06 0.24
CA GLN A 161 9.83 14.59 -1.01
C GLN A 161 10.62 15.67 -1.76
N LEU A 162 10.28 16.94 -1.53
CA LEU A 162 10.95 18.05 -2.21
C LEU A 162 12.42 18.12 -1.83
N GLU A 163 12.76 17.38 -0.79
CA GLU A 163 14.11 17.28 -0.27
C GLU A 163 14.89 16.07 -0.81
N LEU A 164 14.23 15.20 -1.54
CA LEU A 164 14.86 13.98 -2.07
C LEU A 164 15.86 14.28 -3.18
N PRO A 165 16.78 13.33 -3.45
CA PRO A 165 17.71 13.55 -4.54
C PRO A 165 16.91 13.62 -5.84
N VAL A 166 17.37 14.45 -6.77
CA VAL A 166 16.63 14.71 -8.01
C VAL A 166 16.26 13.43 -8.81
N GLU A 167 17.13 12.41 -8.75
CA GLU A 167 16.85 11.12 -9.42
C GLU A 167 15.61 10.49 -8.86
N ILE A 168 15.50 10.50 -7.54
CA ILE A 168 14.38 9.90 -6.85
C ILE A 168 13.11 10.66 -7.20
N GLN A 169 13.16 11.98 -7.17
CA GLN A 169 11.98 12.78 -7.52
C GLN A 169 11.54 12.51 -8.98
N HIS A 170 12.51 12.45 -9.89
CA HIS A 170 12.29 11.99 -11.27
C HIS A 170 11.56 10.64 -11.36
N GLN A 171 12.08 9.62 -10.67
CA GLN A 171 11.50 8.27 -10.70
C GLN A 171 10.05 8.26 -10.22
N ILE A 172 9.80 8.92 -9.09
CA ILE A 172 8.45 9.11 -8.56
C ILE A 172 7.53 9.80 -9.59
N ARG A 173 8.00 10.92 -10.14
CA ARG A 173 7.23 11.70 -11.13
C ARG A 173 6.89 10.87 -12.38
N GLN A 174 7.87 10.09 -12.85
CA GLN A 174 7.70 9.24 -14.00
C GLN A 174 6.67 8.15 -13.75
N GLN A 175 6.74 7.53 -12.55
CA GLN A 175 5.83 6.48 -12.15
C GLN A 175 4.40 7.01 -12.11
N ARG A 176 4.23 8.22 -11.62
CA ARG A 176 2.91 8.88 -11.58
C ARG A 176 2.40 9.22 -13.00
N LEU A 177 3.27 9.81 -13.82
CA LEU A 177 2.92 10.27 -15.18
C LEU A 177 2.57 9.11 -16.10
N SER A 178 3.08 7.92 -15.77
CA SER A 178 2.81 6.76 -16.62
C SER A 178 1.47 6.12 -16.28
N GLN A 179 0.84 6.54 -15.19
CA GLN A 179 -0.46 5.99 -14.84
C GLN A 179 -1.51 6.52 -15.80
N SER A 180 -2.51 5.71 -16.10
CA SER A 180 -3.62 6.14 -16.95
C SER A 180 -4.58 7.00 -16.13
N PRO A 181 -4.81 8.27 -16.54
CA PRO A 181 -5.70 9.13 -15.73
C PRO A 181 -7.13 8.62 -15.58
N HIS A 182 -7.69 8.04 -16.63
CA HIS A 182 -9.03 7.44 -16.55
C HIS A 182 -9.07 6.28 -15.53
N LYS A 183 -8.00 5.47 -15.48
CA LYS A 183 -7.90 4.43 -14.49
C LYS A 183 -7.69 4.98 -13.10
N MET A 184 -6.88 6.03 -12.95
CA MET A 184 -6.69 6.66 -11.65
C MET A 184 -8.03 7.17 -11.13
N ALA A 185 -8.83 7.77 -12.02
CA ALA A 185 -10.16 8.25 -11.66
C ALA A 185 -11.05 7.11 -11.15
N LYS A 186 -11.04 5.97 -11.85
CA LYS A 186 -11.86 4.86 -11.46
C LYS A 186 -11.37 4.32 -10.13
N ALA A 187 -10.04 4.19 -9.95
CA ALA A 187 -9.50 3.77 -8.65
C ALA A 187 -10.02 4.64 -7.50
N LEU A 188 -9.97 5.95 -7.68
CA LEU A 188 -10.53 6.88 -6.67
C LEU A 188 -12.01 6.66 -6.39
N ARG A 189 -12.81 6.61 -7.45
CA ARG A 189 -14.26 6.43 -7.27
C ARG A 189 -14.63 5.08 -6.64
N ASP A 190 -13.94 4.01 -7.02
CA ASP A 190 -14.29 2.65 -6.57
C ASP A 190 -13.63 2.22 -5.26
N TYR A 191 -12.39 2.62 -5.01
CA TYR A 191 -11.75 2.18 -3.75
C TYR A 191 -10.95 3.25 -3.02
N GLY A 192 -11.28 4.50 -3.33
CA GLY A 192 -10.78 5.63 -2.58
C GLY A 192 -11.19 5.48 -1.12
N THR A 193 -10.47 6.20 -0.27
CA THR A 193 -10.64 6.10 1.17
C THR A 193 -12.06 6.40 1.60
N GLY A 194 -12.70 7.31 0.86
CA GLY A 194 -14.06 7.70 1.12
C GLY A 194 -15.05 6.59 0.84
N GLN A 195 -14.67 5.65 -0.03
CA GLN A 195 -15.51 4.49 -0.34
C GLN A 195 -15.27 3.32 0.60
N MET A 196 -14.12 3.32 1.27
CA MET A 196 -13.71 2.18 2.08
C MET A 196 -14.55 2.09 3.34
N PRO A 197 -14.97 0.86 3.72
CA PRO A 197 -15.63 0.76 5.02
C PRO A 197 -14.68 1.16 6.13
N ASN A 198 -15.24 1.68 7.21
CA ASN A 198 -14.49 2.02 8.42
C ASN A 198 -14.02 0.74 9.10
N LEU A 199 -12.75 0.40 8.92
CA LEU A 199 -12.19 -0.86 9.45
C LEU A 199 -11.65 -0.72 10.88
N TRP A 200 -11.79 0.47 11.45
CA TRP A 200 -11.32 0.76 12.80
C TRP A 200 -11.84 -0.26 13.84
N PRO A 201 -13.16 -0.54 13.85
CA PRO A 201 -13.69 -1.50 14.83
C PRO A 201 -13.38 -2.99 14.54
N ARG A 202 -12.80 -3.29 13.38
CA ARG A 202 -12.42 -4.65 12.99
C ARG A 202 -10.92 -4.91 13.14
N LEU A 203 -10.15 -3.88 13.51
CA LEU A 203 -8.69 -4.05 13.71
C LEU A 203 -8.32 -5.08 14.75
N LYS A 204 -9.15 -5.18 15.80
CA LYS A 204 -8.96 -6.17 16.85
C LYS A 204 -9.11 -7.61 16.34
N GLU A 205 -9.70 -7.79 15.17
CA GLU A 205 -9.86 -9.11 14.60
C GLU A 205 -8.56 -9.60 14.00
N ILE A 206 -7.62 -8.70 13.74
CA ILE A 206 -6.38 -9.08 13.06
C ILE A 206 -5.45 -9.68 14.10
N LYS A 207 -5.26 -11.00 14.07
CA LYS A 207 -4.50 -11.66 15.12
C LYS A 207 -3.02 -11.94 14.77
N VAL A 208 -2.64 -11.75 13.52
CA VAL A 208 -1.30 -12.10 13.05
C VAL A 208 -0.30 -11.04 13.52
N PRO A 209 0.99 -11.42 13.66
CA PRO A 209 1.97 -10.38 13.96
C PRO A 209 1.90 -9.27 12.92
N THR A 210 1.88 -8.02 13.38
CA THR A 210 1.71 -6.85 12.50
C THR A 210 2.79 -5.82 12.79
N LEU A 211 3.49 -5.39 11.74
CA LEU A 211 4.44 -4.30 11.86
C LEU A 211 3.80 -3.06 11.27
N ILE A 212 3.77 -1.97 12.02
CA ILE A 212 3.22 -0.70 11.52
C ILE A 212 4.34 0.35 11.45
N LEU A 213 4.46 0.97 10.27
CA LEU A 213 5.49 1.97 10.03
C LEU A 213 4.82 3.28 9.67
N ALA A 214 5.32 4.36 10.25
CA ALA A 214 4.90 5.71 9.87
C ALA A 214 6.14 6.59 9.85
N GLY A 215 6.11 7.67 9.08
CA GLY A 215 7.24 8.56 8.99
C GLY A 215 7.06 9.69 9.96
N GLU A 216 8.12 10.02 10.69
CA GLU A 216 8.11 11.01 11.75
C GLU A 216 7.59 12.40 11.31
N TYR A 217 7.94 12.81 10.09
CA TYR A 217 7.44 14.08 9.52
C TYR A 217 5.97 14.00 9.14
N ASP A 218 5.43 12.79 9.07
CA ASP A 218 4.09 12.60 8.57
C ASP A 218 3.13 12.47 9.78
N GLU A 219 2.89 13.60 10.43
CA GLU A 219 2.11 13.67 11.68
C GLU A 219 0.78 12.91 11.63
N LYS A 220 0.02 13.13 10.55
CA LYS A 220 -1.30 12.54 10.44
C LYS A 220 -1.20 11.03 10.47
N PHE A 221 -0.28 10.47 9.70
CA PHE A 221 -0.19 9.02 9.66
C PHE A 221 0.54 8.42 10.89
N VAL A 222 1.40 9.20 11.53
CA VAL A 222 1.95 8.82 12.85
C VAL A 222 0.81 8.65 13.87
N GLN A 223 -0.11 9.62 13.91
CA GLN A 223 -1.20 9.54 14.88
C GLN A 223 -2.06 8.35 14.54
N ILE A 224 -2.28 8.12 13.25
CA ILE A 224 -3.04 6.94 12.82
C ILE A 224 -2.34 5.62 13.16
N ALA A 225 -1.03 5.57 12.92
CA ALA A 225 -0.23 4.36 13.17
C ALA A 225 -0.29 3.98 14.62
N LYS A 226 -0.19 4.98 15.50
CA LYS A 226 -0.22 4.73 16.95
C LYS A 226 -1.59 4.18 17.36
N LYS A 227 -2.65 4.75 16.80
CA LYS A 227 -4.00 4.30 17.10
C LYS A 227 -4.24 2.87 16.62
N MET A 228 -3.84 2.56 15.38
CA MET A 228 -3.89 1.21 14.85
C MET A 228 -3.14 0.21 15.74
N ALA A 229 -1.93 0.57 16.15
CA ALA A 229 -1.10 -0.30 17.00
C ALA A 229 -1.83 -0.68 18.27
N ASN A 230 -2.53 0.28 18.87
CA ASN A 230 -3.29 0.06 20.09
C ASN A 230 -4.34 -1.02 19.95
N LEU A 231 -4.89 -1.13 18.73
CA LEU A 231 -6.09 -1.92 18.48
C LEU A 231 -5.80 -3.30 17.89
N ILE A 232 -4.71 -3.39 17.12
CA ILE A 232 -4.25 -4.67 16.56
C ILE A 232 -3.45 -5.36 17.68
N PRO A 233 -3.93 -6.53 18.17
CA PRO A 233 -3.38 -7.05 19.43
C PRO A 233 -1.90 -7.46 19.40
N ASN A 234 -1.43 -8.06 18.29
CA ASN A 234 0.00 -8.41 18.16
C ASN A 234 0.72 -7.51 17.15
N SER A 235 0.84 -6.22 17.50
CA SER A 235 1.38 -5.21 16.57
C SER A 235 2.64 -4.58 17.16
N LYS A 236 3.55 -4.13 16.29
CA LYS A 236 4.67 -3.28 16.70
C LYS A 236 4.57 -2.05 15.83
N CYS A 237 4.65 -0.87 16.44
CA CYS A 237 4.67 0.39 15.67
C CYS A 237 6.06 1.00 15.69
N LYS A 238 6.63 1.24 14.52
CA LYS A 238 7.93 1.87 14.43
C LYS A 238 7.84 3.17 13.66
N LEU A 239 8.27 4.22 14.32
CA LEU A 239 8.38 5.55 13.76
C LEU A 239 9.74 5.69 13.10
N ILE A 240 9.73 6.10 11.84
CA ILE A 240 10.98 6.22 11.10
C ILE A 240 11.40 7.69 11.06
N SER A 241 12.52 7.99 11.73
CA SER A 241 13.10 9.32 11.82
C SER A 241 13.25 10.01 10.49
N ALA A 242 12.97 11.30 10.46
CA ALA A 242 13.33 12.17 9.33
C ALA A 242 12.77 11.75 7.98
N THR A 243 11.64 11.02 7.98
CA THR A 243 10.95 10.68 6.75
C THR A 243 9.50 11.10 6.78
N GLY A 244 8.93 11.31 5.60
CA GLY A 244 7.51 11.58 5.47
C GLY A 244 6.71 10.34 5.14
N HIS A 245 5.77 10.49 4.22
CA HIS A 245 4.77 9.46 3.96
C HIS A 245 5.38 8.22 3.30
N THR A 246 6.17 8.42 2.25
CA THR A 246 6.73 7.30 1.49
C THR A 246 8.11 6.93 2.05
N ILE A 247 8.09 6.32 3.22
CA ILE A 247 9.29 5.91 3.92
C ILE A 247 10.19 5.01 3.05
N HIS A 248 9.60 4.04 2.36
CA HIS A 248 10.40 3.07 1.58
C HIS A 248 11.23 3.73 0.48
N VAL A 249 10.90 4.98 0.17
CA VAL A 249 11.68 5.74 -0.81
C VAL A 249 12.65 6.73 -0.16
N GLU A 250 12.28 7.27 1.00
CA GLU A 250 13.04 8.37 1.59
C GLU A 250 14.19 7.85 2.44
N ASP A 251 13.96 6.70 3.10
CA ASP A 251 15.01 5.96 3.78
C ASP A 251 14.84 4.46 3.51
N SER A 252 15.26 4.05 2.32
CA SER A 252 15.09 2.67 1.84
C SER A 252 15.82 1.66 2.72
N ASP A 253 17.00 2.00 3.20
CA ASP A 253 17.78 1.06 4.00
C ASP A 253 17.16 0.78 5.37
N GLU A 254 16.81 1.84 6.08
CA GLU A 254 16.13 1.68 7.36
C GLU A 254 14.82 0.92 7.14
N PHE A 255 14.07 1.33 6.12
CA PHE A 255 12.83 0.62 5.74
C PHE A 255 13.13 -0.88 5.59
N ASP A 256 14.14 -1.21 4.79
CA ASP A 256 14.54 -2.61 4.57
C ASP A 256 14.94 -3.34 5.85
N THR A 257 15.75 -2.67 6.67
CA THR A 257 16.22 -3.20 7.94
C THR A 257 15.05 -3.51 8.88
N MET A 258 14.08 -2.60 8.96
CA MET A 258 12.89 -2.81 9.80
C MET A 258 12.09 -4.03 9.34
N ILE A 259 11.96 -4.21 8.03
CA ILE A 259 11.16 -5.32 7.51
C ILE A 259 11.85 -6.65 7.79
N LEU A 260 13.13 -6.73 7.42
CA LEU A 260 13.94 -7.93 7.60
C LEU A 260 13.98 -8.36 9.06
N GLY A 261 14.09 -7.40 9.97
CA GLY A 261 14.15 -7.68 11.41
C GLY A 261 12.84 -8.21 11.96
N PHE A 262 11.73 -7.63 11.50
CA PHE A 262 10.39 -8.12 11.81
C PHE A 262 10.23 -9.54 11.27
N LEU A 263 10.46 -9.69 9.97
CA LEU A 263 10.44 -11.01 9.33
C LEU A 263 11.35 -12.01 10.05
N LYS A 264 12.53 -11.58 10.49
CA LYS A 264 13.46 -12.41 11.27
C LYS A 264 12.77 -12.88 12.57
N GLU A 265 12.19 -11.94 13.31
CA GLU A 265 11.54 -12.21 14.60
C GLU A 265 10.36 -13.16 14.48
N GLU A 266 9.65 -13.09 13.35
CA GLU A 266 8.45 -13.87 13.16
C GLU A 266 8.64 -15.17 12.37
N GLN A 267 9.89 -15.48 12.00
CA GLN A 267 10.23 -16.77 11.37
C GLN A 267 9.50 -17.96 12.01
N ASN A 268 9.18 -17.84 13.30
CA ASN A 268 8.39 -18.84 14.03
C ASN A 268 6.89 -18.55 14.00
#